data_5MWA
#
_entry.id   5MWA
#
_cell.length_a   52.090
_cell.length_b   54.110
_cell.length_c   75.440
_cell.angle_alpha   90.00
_cell.angle_beta   90.00
_cell.angle_gamma   90.00
#
_symmetry.space_group_name_H-M   'P 21 21 21'
#
loop_
_entity.id
_entity.type
_entity.pdbx_description
1 polymer 'Bifunctional epoxide hydrolase 2'
2 non-polymer 'MAGNESIUM ION'
3 non-polymer '3-[4-(3,4-dichlorophenyl)-5-phenyl-1,3-oxazol-2-yl]benzoic acid'
4 water water
#
_entity_poly.entity_id   1
_entity_poly.type   'polypeptide(L)'
_entity_poly.pdbx_seq_one_letter_code
;MGHHHHHHDYDIPTTENLYFQGTLRAAVFDLDGVLALPAVFGVLGRTEEALALPRGLLNDAFQKGGPEGATTRLMKGEIT
LSQWIPLMEENCRKCSETAKVCLPKNFSIKEIFDKAISARKINRPMLQAALMLRKKGFTTAILTNTWLDDRAERDGLAQL
MCELKMHFDFLIESCQVGMVKPEPQIYKFLLDTLKASPSEVVFLDDIGANLKPARDLGMVTILVQDTDTALKELEKVTGI
QLLNT
;
_entity_poly.pdbx_strand_id   A
#
# COMPACT_ATOMS: atom_id res chain seq x y z
N ASN A 17 9.78 -30.55 -1.83
CA ASN A 17 8.61 -30.56 -0.96
C ASN A 17 7.34 -30.96 -1.71
N LEU A 18 6.94 -32.17 -1.54
CA LEU A 18 5.75 -32.61 -2.23
C LEU A 18 4.55 -31.78 -1.82
N TYR A 19 4.28 -31.67 -0.53
CA TYR A 19 3.05 -31.06 -0.09
C TYR A 19 3.05 -29.57 0.05
N PHE A 20 4.11 -29.00 0.61
CA PHE A 20 4.02 -27.65 1.14
C PHE A 20 5.38 -26.96 1.03
N GLN A 21 5.38 -25.77 0.45
CA GLN A 21 6.58 -24.95 0.33
C GLN A 21 6.53 -23.86 1.39
N GLY A 22 7.27 -24.04 2.48
CA GLY A 22 7.25 -23.03 3.53
C GLY A 22 8.38 -22.02 3.49
N THR A 23 9.36 -22.23 2.61
CA THR A 23 10.45 -21.30 2.39
C THR A 23 9.96 -20.15 1.53
N LEU A 24 10.25 -18.92 1.94
CA LEU A 24 9.79 -17.78 1.17
C LEU A 24 10.54 -17.64 -0.13
N ARG A 25 9.82 -17.26 -1.17
CA ARG A 25 10.38 -17.06 -2.49
C ARG A 25 9.85 -15.82 -3.19
N ALA A 26 8.89 -15.12 -2.58
CA ALA A 26 8.35 -13.91 -3.16
C ALA A 26 8.13 -12.90 -2.04
N ALA A 27 8.36 -11.62 -2.35
CA ALA A 27 8.20 -10.54 -1.38
C ALA A 27 7.39 -9.45 -2.02
N VAL A 28 6.29 -9.07 -1.37
CA VAL A 28 5.31 -8.15 -1.95
C VAL A 28 5.25 -6.94 -1.04
N PHE A 29 5.42 -5.76 -1.64
CA PHE A 29 5.49 -4.52 -0.88
C PHE A 29 4.34 -3.61 -1.27
N ASP A 30 3.65 -3.09 -0.27
CA ASP A 30 2.78 -1.94 -0.47
C ASP A 30 3.61 -0.73 -0.89
N LEU A 31 2.95 0.28 -1.48
CA LEU A 31 3.65 1.49 -1.89
C LEU A 31 3.59 2.54 -0.78
N ASP A 32 2.48 3.28 -0.64
CA ASP A 32 2.44 4.40 0.30
C ASP A 32 2.42 3.91 1.75
N GLY A 33 3.39 4.38 2.53
CA GLY A 33 3.57 3.90 3.90
C GLY A 33 4.64 2.83 4.03
N VAL A 34 5.14 2.32 2.91
CA VAL A 34 6.14 1.24 2.93
C VAL A 34 7.30 1.64 2.02
N LEU A 35 7.11 1.56 0.70
CA LEU A 35 8.19 1.94 -0.24
C LEU A 35 8.26 3.44 -0.45
N ALA A 36 7.16 4.17 -0.22
CA ALA A 36 7.14 5.63 -0.36
C ALA A 36 6.44 6.20 0.85
N LEU A 37 6.85 7.39 1.25
CA LEU A 37 6.28 8.09 2.39
C LEU A 37 5.88 9.48 1.95
N PRO A 38 4.81 10.03 2.55
CA PRO A 38 4.01 9.46 3.63
C PRO A 38 2.77 8.72 3.14
N ALA A 39 2.12 7.97 4.04
CA ALA A 39 0.78 7.46 3.75
C ALA A 39 -0.26 8.54 4.01
N VAL A 40 -1.42 8.40 3.41
CA VAL A 40 -2.43 9.43 3.45
C VAL A 40 -3.02 9.70 4.84
N PHE A 41 -3.04 8.67 5.66
CA PHE A 41 -3.67 8.79 6.96
C PHE A 41 -2.87 9.70 7.90
N GLY A 42 -1.55 9.57 7.84
CA GLY A 42 -0.71 10.51 8.53
C GLY A 42 -0.82 11.92 8.00
N VAL A 43 -0.88 12.01 6.66
CA VAL A 43 -1.12 13.32 6.02
C VAL A 43 -2.30 14.00 6.70
N LEU A 44 -3.43 13.30 6.75
CA LEU A 44 -4.70 13.83 7.24
C LEU A 44 -4.63 14.14 8.74
N GLY A 45 -3.98 13.28 9.51
CA GLY A 45 -3.79 13.58 10.92
C GLY A 45 -3.01 14.87 11.14
N ARG A 46 -1.93 15.06 10.37
CA ARG A 46 -1.14 16.29 10.54
C ARG A 46 -1.88 17.51 10.01
N THR A 47 -2.74 17.32 9.01
CA THR A 47 -3.59 18.42 8.56
C THR A 47 -4.61 18.81 9.63
N GLU A 48 -5.23 17.81 10.29
CA GLU A 48 -6.14 18.11 11.39
C GLU A 48 -5.44 18.95 12.45
N GLU A 49 -4.21 18.57 12.80
CA GLU A 49 -3.42 19.31 13.78
C GLU A 49 -3.12 20.72 13.29
N ALA A 50 -2.70 20.87 12.04
CA ALA A 50 -2.28 22.18 11.53
C ALA A 50 -3.44 23.15 11.44
N LEU A 51 -4.62 22.67 11.08
CA LEU A 51 -5.80 23.51 10.90
C LEU A 51 -6.67 23.59 12.14
N ALA A 52 -6.24 22.94 13.20
CA ALA A 52 -7.06 22.91 14.35
C ALA A 52 -8.46 22.44 13.97
N LEU A 53 -8.53 21.27 13.35
CA LEU A 53 -9.77 20.53 13.19
C LEU A 53 -9.81 19.44 14.31
N PRO A 54 -10.99 18.95 14.64
CA PRO A 54 -11.20 17.87 15.56
C PRO A 54 -10.52 16.68 14.95
N ARG A 55 -9.91 15.97 15.83
CA ARG A 55 -9.07 14.93 15.47
C ARG A 55 -9.86 13.74 14.89
N GLY A 56 -9.35 13.14 13.82
CA GLY A 56 -10.08 12.10 13.13
C GLY A 56 -11.19 12.59 12.21
N LEU A 57 -11.33 13.82 12.15
CA LEU A 57 -12.42 14.33 11.33
C LEU A 57 -12.18 14.14 9.84
N LEU A 58 -10.97 14.42 9.45
CA LEU A 58 -10.59 14.24 8.05
C LEU A 58 -10.46 12.76 7.72
N ASN A 59 -9.88 11.99 8.64
CA ASN A 59 -9.75 10.56 8.33
C ASN A 59 -11.10 9.86 8.29
N ASP A 60 -12.05 10.29 9.11
CA ASP A 60 -13.41 9.76 9.01
C ASP A 60 -14.05 10.17 7.69
N ALA A 61 -13.95 11.45 7.32
CA ALA A 61 -14.52 11.89 6.04
C ALA A 61 -13.92 11.10 4.89
N PHE A 62 -12.61 10.84 4.95
CA PHE A 62 -11.89 10.14 3.88
C PHE A 62 -12.43 8.73 3.67
N GLN A 63 -12.88 8.09 4.74
CA GLN A 63 -13.30 6.70 4.67
C GLN A 63 -14.81 6.54 4.65
N LYS A 64 -15.53 7.65 4.63
CA LYS A 64 -17.00 7.62 4.67
C LYS A 64 -17.57 6.76 3.54
N GLY A 65 -18.52 5.90 3.89
CA GLY A 65 -19.17 5.07 2.92
C GLY A 65 -18.58 3.69 2.78
N GLY A 66 -17.41 3.45 3.39
CA GLY A 66 -16.84 2.12 3.35
C GLY A 66 -16.60 1.62 1.95
N PRO A 67 -17.01 0.38 1.67
CA PRO A 67 -16.76 -0.16 0.33
C PRO A 67 -17.53 0.56 -0.77
N GLU A 68 -18.56 1.33 -0.42
CA GLU A 68 -19.31 2.12 -1.39
C GLU A 68 -18.92 3.59 -1.39
N GLY A 69 -17.96 3.97 -0.55
CA GLY A 69 -17.59 5.37 -0.42
C GLY A 69 -16.76 5.89 -1.57
N ALA A 70 -16.63 7.22 -1.62
CA ALA A 70 -15.94 7.86 -2.72
C ALA A 70 -14.50 7.37 -2.84
N THR A 71 -13.83 7.17 -1.71
CA THR A 71 -12.42 6.80 -1.77
C THR A 71 -12.23 5.38 -2.31
N THR A 72 -13.06 4.42 -1.89
CA THR A 72 -12.98 3.09 -2.47
C THR A 72 -13.27 3.12 -3.96
N ARG A 73 -14.23 3.96 -4.39
CA ARG A 73 -14.52 4.03 -5.81
C ARG A 73 -13.32 4.58 -6.58
N LEU A 74 -12.63 5.56 -5.99
CA LEU A 74 -11.40 6.07 -6.60
C LEU A 74 -10.32 4.98 -6.67
N MET A 75 -10.12 4.26 -5.57
CA MET A 75 -9.08 3.21 -5.58
C MET A 75 -9.41 2.13 -6.59
N LYS A 76 -10.68 1.84 -6.79
CA LYS A 76 -11.08 0.78 -7.71
C LYS A 76 -10.98 1.22 -9.16
N GLY A 77 -10.73 2.51 -9.40
CA GLY A 77 -10.74 3.02 -10.76
C GLY A 77 -12.13 3.30 -11.29
N GLU A 78 -13.15 3.33 -10.42
CA GLU A 78 -14.52 3.63 -10.86
C GLU A 78 -14.71 5.12 -11.16
N ILE A 79 -13.98 5.97 -10.45
CA ILE A 79 -14.03 7.42 -10.64
C ILE A 79 -12.60 7.94 -10.72
N THR A 80 -12.44 9.16 -11.25
CA THR A 80 -11.14 9.80 -11.37
C THR A 80 -10.89 10.74 -10.18
N LEU A 81 -9.63 11.15 -10.04
CA LEU A 81 -9.28 12.11 -8.99
C LEU A 81 -10.16 13.36 -9.05
N SER A 82 -10.41 13.88 -10.26
CA SER A 82 -11.20 15.12 -10.34
C SER A 82 -12.64 14.90 -9.89
N GLN A 83 -13.19 13.70 -10.13
CA GLN A 83 -14.54 13.38 -9.63
C GLN A 83 -14.55 13.21 -8.13
N TRP A 84 -13.48 12.67 -7.57
CA TRP A 84 -13.42 12.37 -6.14
C TRP A 84 -13.35 13.63 -5.30
N ILE A 85 -12.61 14.65 -5.75
CA ILE A 85 -12.37 15.85 -4.92
C ILE A 85 -13.68 16.43 -4.39
N PRO A 86 -14.69 16.75 -5.20
CA PRO A 86 -15.91 17.31 -4.63
C PRO A 86 -16.69 16.33 -3.76
N LEU A 87 -16.52 15.01 -3.96
CA LEU A 87 -17.19 14.04 -3.08
C LEU A 87 -16.56 14.05 -1.70
N MET A 88 -15.22 14.08 -1.65
CA MET A 88 -14.52 14.23 -0.38
C MET A 88 -14.89 15.53 0.31
N GLU A 89 -14.96 16.64 -0.43
CA GLU A 89 -15.36 17.91 0.20
C GLU A 89 -16.76 17.79 0.79
N GLU A 90 -17.66 17.11 0.07
CA GLU A 90 -19.00 16.86 0.61
C GLU A 90 -18.94 16.01 1.88
N ASN A 91 -18.07 14.99 1.91
CA ASN A 91 -17.95 14.17 3.11
C ASN A 91 -17.45 14.98 4.29
N CYS A 92 -16.57 15.95 4.02
CA CYS A 92 -16.04 16.80 5.08
C CYS A 92 -17.16 17.62 5.71
N ARG A 93 -17.99 18.23 4.87
CA ARG A 93 -19.10 19.05 5.34
C ARG A 93 -20.12 18.21 6.12
N LYS A 94 -20.31 16.78 5.70
CA LYS A 94 -21.18 15.85 6.40
C LYS A 94 -20.58 15.40 7.72
N ASN A 106 -12.60 26.57 5.81
CA ASN A 106 -12.56 26.76 4.38
C ASN A 106 -11.32 26.21 3.67
N PHE A 107 -10.81 25.07 3.99
CA PHE A 107 -9.66 24.43 3.39
C PHE A 107 -9.96 23.75 2.05
N SER A 108 -8.90 23.51 1.28
CA SER A 108 -8.99 22.92 -0.06
C SER A 108 -8.47 21.49 -0.01
N ILE A 109 -9.36 20.54 -0.32
CA ILE A 109 -8.94 19.13 -0.41
C ILE A 109 -7.93 18.98 -1.53
N LYS A 110 -8.16 19.67 -2.66
CA LYS A 110 -7.22 19.60 -3.77
C LYS A 110 -5.82 20.00 -3.32
N GLU A 111 -5.71 21.08 -2.55
CA GLU A 111 -4.39 21.56 -2.13
C GLU A 111 -3.75 20.64 -1.10
N ILE A 112 -4.54 20.15 -0.13
CA ILE A 112 -3.98 19.24 0.88
C ILE A 112 -3.34 18.04 0.20
N PHE A 113 -4.05 17.45 -0.76
CA PHE A 113 -3.58 16.23 -1.39
C PHE A 113 -2.50 16.52 -2.42
N ASP A 114 -2.64 17.56 -3.23
CA ASP A 114 -1.59 17.86 -4.21
C ASP A 114 -0.26 18.20 -3.53
N LYS A 115 -0.29 18.98 -2.45
CA LYS A 115 0.95 19.30 -1.75
C LYS A 115 1.62 18.05 -1.18
N ALA A 116 0.84 17.16 -0.56
CA ALA A 116 1.42 15.97 0.04
C ALA A 116 1.92 15.01 -1.03
N ILE A 117 1.17 14.86 -2.12
CA ILE A 117 1.59 13.96 -3.18
C ILE A 117 2.86 14.47 -3.86
N SER A 118 2.97 15.80 -4.00
CA SER A 118 4.20 16.38 -4.57
C SER A 118 5.42 16.12 -3.69
N ALA A 119 5.21 15.97 -2.38
CA ALA A 119 6.31 15.80 -1.44
C ALA A 119 6.65 14.34 -1.15
N ARG A 120 5.97 13.38 -1.78
CA ARG A 120 6.26 11.97 -1.53
C ARG A 120 7.74 11.67 -1.84
N LYS A 121 8.30 10.74 -1.09
CA LYS A 121 9.70 10.38 -1.21
C LYS A 121 9.80 8.87 -1.09
N ILE A 122 10.71 8.28 -1.86
CA ILE A 122 11.06 6.87 -1.68
C ILE A 122 11.63 6.66 -0.29
N ASN A 123 11.16 5.60 0.38
CA ASN A 123 11.70 5.10 1.64
C ASN A 123 12.92 4.26 1.28
N ARG A 124 14.09 4.89 1.30
CA ARG A 124 15.27 4.25 0.75
C ARG A 124 15.67 2.94 1.42
N PRO A 125 15.65 2.80 2.76
CA PRO A 125 16.01 1.51 3.34
C PRO A 125 15.06 0.40 2.94
N MET A 126 13.77 0.71 2.77
CA MET A 126 12.82 -0.30 2.32
C MET A 126 13.07 -0.68 0.87
N LEU A 127 13.29 0.30 -0.01
CA LEU A 127 13.60 -0.03 -1.39
C LEU A 127 14.86 -0.86 -1.48
N GLN A 128 15.90 -0.48 -0.73
CA GLN A 128 17.13 -1.26 -0.80
C GLN A 128 16.90 -2.70 -0.37
N ALA A 129 16.06 -2.92 0.64
CA ALA A 129 15.77 -4.28 1.05
C ALA A 129 15.04 -5.05 -0.06
N ALA A 130 14.12 -4.38 -0.76
CA ALA A 130 13.42 -5.06 -1.85
C ALA A 130 14.39 -5.45 -2.96
N LEU A 131 15.33 -4.56 -3.28
CA LEU A 131 16.32 -4.86 -4.31
C LEU A 131 17.23 -6.00 -3.88
N MET A 132 17.62 -6.03 -2.61
CA MET A 132 18.48 -7.10 -2.13
C MET A 132 17.77 -8.45 -2.18
N LEU A 133 16.49 -8.49 -1.80
CA LEU A 133 15.74 -9.74 -1.94
C LEU A 133 15.69 -10.19 -3.40
N ARG A 134 15.45 -9.25 -4.33
CA ARG A 134 15.42 -9.64 -5.74
C ARG A 134 16.78 -10.16 -6.21
N LYS A 135 17.87 -9.50 -5.77
CA LYS A 135 19.20 -10.01 -6.11
C LYS A 135 19.43 -11.41 -5.58
N LYS A 136 18.84 -11.73 -4.43
CA LYS A 136 18.95 -13.06 -3.84
C LYS A 136 17.94 -14.04 -4.42
N GLY A 137 17.26 -13.68 -5.51
CA GLY A 137 16.40 -14.60 -6.23
C GLY A 137 14.92 -14.55 -5.87
N PHE A 138 14.50 -13.65 -5.00
CA PHE A 138 13.08 -13.47 -4.75
C PHE A 138 12.39 -12.84 -5.95
N THR A 139 11.18 -13.31 -6.24
CA THR A 139 10.24 -12.58 -7.08
C THR A 139 9.66 -11.46 -6.24
N THR A 140 9.78 -10.21 -6.70
CA THR A 140 9.24 -9.09 -5.93
C THR A 140 8.09 -8.41 -6.67
N ALA A 141 7.18 -7.84 -5.88
CA ALA A 141 6.03 -7.16 -6.47
C ALA A 141 5.62 -5.99 -5.60
N ILE A 142 4.99 -5.01 -6.22
CA ILE A 142 4.30 -3.94 -5.51
C ILE A 142 2.81 -4.22 -5.63
N LEU A 143 2.09 -4.17 -4.50
CA LEU A 143 0.64 -4.34 -4.49
C LEU A 143 0.08 -3.17 -3.70
N THR A 144 -0.63 -2.25 -4.37
CA THR A 144 -1.02 -1.04 -3.67
C THR A 144 -2.39 -0.56 -4.14
N ASN A 145 -3.13 0.00 -3.20
CA ASN A 145 -4.27 0.84 -3.57
C ASN A 145 -3.75 2.16 -4.10
N THR A 146 -4.17 2.57 -5.29
CA THR A 146 -3.78 3.87 -5.81
C THR A 146 -4.86 4.40 -6.73
N TRP A 147 -4.63 5.59 -7.27
CA TRP A 147 -5.68 6.34 -7.94
C TRP A 147 -5.29 6.70 -9.36
N LEU A 148 -6.32 6.98 -10.18
CA LEU A 148 -6.19 7.55 -11.52
C LEU A 148 -6.24 9.07 -11.45
N ASP A 149 -5.16 9.73 -11.84
CA ASP A 149 -5.12 11.19 -11.91
C ASP A 149 -5.41 11.59 -13.36
N ASP A 150 -6.59 12.15 -13.58
CA ASP A 150 -7.09 12.44 -14.90
C ASP A 150 -6.54 13.71 -15.46
N ARG A 151 -5.79 14.47 -14.65
CA ARG A 151 -5.23 15.75 -15.04
C ARG A 151 -3.90 15.48 -15.64
N LEU A 160 8.06 8.50 -10.75
CA LEU A 160 8.36 7.68 -9.62
C LEU A 160 7.96 6.22 -9.89
N MET A 161 6.78 5.98 -10.44
CA MET A 161 6.34 4.63 -10.79
C MET A 161 7.20 4.03 -11.89
N CYS A 162 7.64 4.85 -12.84
CA CYS A 162 8.51 4.35 -13.90
C CYS A 162 9.83 3.85 -13.33
N GLU A 163 10.38 4.58 -12.35
CA GLU A 163 11.59 4.13 -11.66
C GLU A 163 11.35 2.79 -10.98
N LEU A 164 10.35 2.74 -10.11
CA LEU A 164 10.09 1.52 -9.35
C LEU A 164 9.85 0.33 -10.28
N LYS A 165 9.17 0.57 -11.41
CA LYS A 165 8.72 -0.51 -12.28
C LYS A 165 9.88 -1.40 -12.72
N MET A 166 11.01 -0.79 -13.09
CA MET A 166 12.12 -1.59 -13.59
C MET A 166 12.80 -2.42 -12.51
N HIS A 167 12.54 -2.17 -11.24
CA HIS A 167 13.21 -2.87 -10.15
C HIS A 167 12.33 -3.89 -9.44
N PHE A 168 11.13 -4.14 -9.95
CA PHE A 168 10.22 -5.14 -9.41
C PHE A 168 9.73 -6.04 -10.53
N ASP A 169 9.44 -7.29 -10.20
CA ASP A 169 8.92 -8.20 -11.22
C ASP A 169 7.49 -7.84 -11.63
N PHE A 170 6.68 -7.37 -10.69
CA PHE A 170 5.28 -7.06 -10.95
C PHE A 170 4.87 -5.78 -10.22
N LEU A 171 3.97 -5.03 -10.84
CA LEU A 171 3.35 -3.86 -10.23
C LEU A 171 1.84 -4.04 -10.36
N ILE A 172 1.16 -4.14 -9.23
CA ILE A 172 -0.29 -4.35 -9.21
C ILE A 172 -0.94 -3.15 -8.53
N GLU A 173 -1.72 -2.41 -9.31
CA GLU A 173 -2.33 -1.16 -8.87
C GLU A 173 -3.84 -1.33 -8.85
N SER A 174 -4.46 -1.00 -7.72
CA SER A 174 -5.89 -1.26 -7.57
C SER A 174 -6.71 -0.66 -8.70
N CYS A 175 -6.40 0.58 -9.11
CA CYS A 175 -7.26 1.26 -10.08
C CYS A 175 -7.04 0.76 -11.50
N GLN A 176 -5.98 -0.02 -11.74
CA GLN A 176 -5.69 -0.64 -13.02
C GLN A 176 -6.36 -2.00 -13.16
N VAL A 177 -6.50 -2.74 -12.05
CA VAL A 177 -7.14 -4.04 -12.06
C VAL A 177 -8.61 -4.00 -11.61
N GLY A 178 -9.08 -2.88 -11.07
CA GLY A 178 -10.47 -2.82 -10.67
C GLY A 178 -10.80 -3.60 -9.42
N MET A 179 -9.85 -3.71 -8.49
CA MET A 179 -10.04 -4.42 -7.23
C MET A 179 -9.25 -3.64 -6.19
N VAL A 180 -9.69 -3.68 -4.94
CA VAL A 180 -9.05 -2.93 -3.87
C VAL A 180 -8.69 -3.85 -2.70
N LYS A 181 -7.57 -3.60 -2.07
CA LYS A 181 -7.28 -4.22 -0.78
C LYS A 181 -8.24 -3.54 0.20
N PRO A 182 -8.83 -4.29 1.13
CA PRO A 182 -8.56 -5.70 1.46
C PRO A 182 -9.55 -6.73 0.88
N GLU A 183 -10.12 -6.49 -0.29
CA GLU A 183 -11.02 -7.45 -0.92
C GLU A 183 -10.24 -8.73 -1.22
N PRO A 184 -10.82 -9.88 -0.92
CA PRO A 184 -10.11 -11.14 -1.18
C PRO A 184 -9.69 -11.37 -2.61
N GLN A 185 -10.33 -10.99 -3.47
CA GLN A 185 -10.04 -11.16 -4.85
C GLN A 185 -8.64 -10.71 -5.28
N ILE A 186 -8.20 -9.62 -4.77
CA ILE A 186 -6.97 -9.02 -5.30
C ILE A 186 -5.71 -9.73 -4.79
N TYR A 187 -5.99 -10.53 -3.67
CA TYR A 187 -4.99 -11.42 -3.15
C TYR A 187 -4.92 -12.70 -3.96
N LYS A 188 -6.04 -13.16 -4.45
CA LYS A 188 -6.01 -14.28 -5.39
C LYS A 188 -5.34 -13.86 -6.69
N PHE A 189 -5.64 -12.64 -7.17
CA PHE A 189 -4.99 -12.14 -8.37
C PHE A 189 -3.47 -12.06 -8.18
N LEU A 190 -3.04 -11.58 -7.02
CA LEU A 190 -1.60 -11.51 -6.74
C LEU A 190 -0.96 -12.89 -6.80
N LEU A 191 -1.61 -13.87 -6.18
CA LEU A 191 -1.02 -15.22 -6.15
C LEU A 191 -0.99 -15.84 -7.53
N ASP A 192 -2.04 -15.60 -8.34
CA ASP A 192 -2.05 -16.12 -9.71
C ASP A 192 -0.98 -15.44 -10.55
N THR A 193 -0.73 -14.16 -10.31
CA THR A 193 0.34 -13.44 -11.02
C THR A 193 1.72 -13.95 -10.61
N LEU A 194 1.93 -14.18 -9.31
CA LEU A 194 3.21 -14.67 -8.82
C LEU A 194 3.43 -16.13 -9.16
N LYS A 195 2.37 -16.86 -9.49
CA LYS A 195 2.41 -18.32 -9.59
C LYS A 195 3.10 -18.91 -8.37
N ALA A 196 2.61 -18.50 -7.20
CA ALA A 196 3.17 -18.93 -5.93
C ALA A 196 2.05 -19.36 -5.00
N SER A 197 2.35 -20.29 -4.11
CA SER A 197 1.42 -20.60 -3.04
C SER A 197 1.57 -19.56 -1.93
N PRO A 198 0.50 -19.34 -1.14
CA PRO A 198 0.55 -18.26 -0.13
C PRO A 198 1.72 -18.36 0.83
N SER A 199 2.10 -19.58 1.23
CA SER A 199 3.15 -19.79 2.21
C SER A 199 4.53 -19.39 1.70
N GLU A 200 4.69 -19.16 0.41
CA GLU A 200 5.96 -18.72 -0.15
C GLU A 200 6.07 -17.20 -0.22
N VAL A 201 5.06 -16.47 0.24
CA VAL A 201 4.97 -15.03 0.02
C VAL A 201 5.04 -14.31 1.35
N VAL A 202 5.83 -13.26 1.41
CA VAL A 202 5.78 -12.32 2.53
C VAL A 202 5.24 -11.00 1.99
N PHE A 203 4.34 -10.39 2.76
CA PHE A 203 3.64 -9.19 2.31
C PHE A 203 3.77 -8.12 3.39
N LEU A 204 4.22 -6.93 2.99
CA LEU A 204 4.45 -5.82 3.91
C LEU A 204 3.48 -4.68 3.60
N ASP A 205 2.79 -4.19 4.62
CA ASP A 205 1.81 -3.11 4.45
C ASP A 205 1.77 -2.28 5.74
N ASP A 206 1.49 -0.98 5.59
CA ASP A 206 1.32 -0.11 6.77
C ASP A 206 -0.06 -0.24 7.41
N ILE A 207 -1.00 -0.94 6.76
CA ILE A 207 -2.39 -1.00 7.19
C ILE A 207 -2.72 -2.45 7.57
N GLY A 208 -3.06 -2.66 8.85
CA GLY A 208 -3.37 -4.00 9.33
C GLY A 208 -4.54 -4.67 8.64
N ALA A 209 -5.57 -3.89 8.28
CA ALA A 209 -6.73 -4.44 7.57
C ALA A 209 -6.31 -5.09 6.26
N ASN A 210 -5.26 -4.56 5.62
CA ASN A 210 -4.78 -5.12 4.36
C ASN A 210 -3.98 -6.39 4.55
N LEU A 211 -3.44 -6.62 5.74
CA LEU A 211 -2.69 -7.86 6.01
C LEU A 211 -3.60 -9.02 6.38
N LYS A 212 -4.76 -8.74 6.99
CA LYS A 212 -5.64 -9.81 7.44
C LYS A 212 -5.97 -10.83 6.37
N PRO A 213 -6.42 -10.47 5.17
CA PRO A 213 -6.73 -11.51 4.17
C PRO A 213 -5.51 -12.30 3.75
N ALA A 214 -4.34 -11.65 3.68
CA ALA A 214 -3.11 -12.37 3.33
C ALA A 214 -2.73 -13.36 4.42
N ARG A 215 -2.80 -12.93 5.68
CA ARG A 215 -2.48 -13.84 6.79
C ARG A 215 -3.44 -15.00 6.84
N ASP A 216 -4.73 -14.76 6.56
CA ASP A 216 -5.73 -15.82 6.50
C ASP A 216 -5.39 -16.88 5.45
N LEU A 217 -4.93 -16.44 4.27
CA LEU A 217 -4.52 -17.36 3.21
C LEU A 217 -3.25 -18.11 3.54
N GLY A 218 -2.54 -17.73 4.60
CA GLY A 218 -1.28 -18.35 4.94
C GLY A 218 -0.04 -17.63 4.48
N MET A 219 -0.15 -16.39 4.01
CA MET A 219 1.05 -15.63 3.72
C MET A 219 1.70 -15.13 5.00
N VAL A 220 3.01 -14.90 4.93
CA VAL A 220 3.72 -14.22 6.00
C VAL A 220 3.43 -12.74 5.86
N THR A 221 3.11 -12.08 6.97
CA THR A 221 2.76 -10.66 6.90
C THR A 221 3.59 -9.85 7.89
N ILE A 222 3.94 -8.63 7.49
CA ILE A 222 4.68 -7.71 8.34
C ILE A 222 3.94 -6.39 8.33
N LEU A 223 3.59 -5.89 9.52
CA LEU A 223 2.96 -4.58 9.65
C LEU A 223 4.06 -3.52 9.78
N VAL A 224 4.08 -2.59 8.85
CA VAL A 224 5.14 -1.58 8.78
C VAL A 224 4.68 -0.36 9.60
N GLN A 225 5.13 -0.28 10.84
CA GLN A 225 4.88 0.91 11.64
C GLN A 225 6.10 1.78 11.77
N ASP A 226 7.25 1.14 11.73
CA ASP A 226 8.56 1.74 11.85
C ASP A 226 9.46 0.93 10.95
N THR A 227 10.22 1.59 10.06
CA THR A 227 10.93 0.84 9.02
C THR A 227 11.99 -0.08 9.61
N ASP A 228 12.70 0.36 10.65
CA ASP A 228 13.75 -0.49 11.20
C ASP A 228 13.20 -1.78 11.78
N THR A 229 12.09 -1.70 12.52
CA THR A 229 11.50 -2.92 13.05
C THR A 229 11.01 -3.84 11.93
N ALA A 230 10.41 -3.26 10.89
CA ALA A 230 9.92 -4.07 9.78
C ALA A 230 11.07 -4.78 9.05
N LEU A 231 12.20 -4.11 8.89
CA LEU A 231 13.32 -4.75 8.21
C LEU A 231 13.93 -5.86 9.06
N LYS A 232 14.02 -5.66 10.38
CA LYS A 232 14.49 -6.73 11.25
C LYS A 232 13.60 -7.95 11.14
N GLU A 233 12.29 -7.73 11.10
CA GLU A 233 11.34 -8.82 10.91
C GLU A 233 11.47 -9.46 9.52
N LEU A 234 11.73 -8.65 8.48
CA LEU A 234 11.89 -9.20 7.14
C LEU A 234 13.17 -10.04 7.03
N GLU A 235 14.22 -9.61 7.73
CA GLU A 235 15.45 -10.38 7.82
C GLU A 235 15.21 -11.73 8.48
N LYS A 236 14.43 -11.73 9.57
CA LYS A 236 14.15 -12.98 10.29
C LYS A 236 13.43 -13.99 9.40
N VAL A 237 12.37 -13.55 8.71
CA VAL A 237 11.56 -14.53 7.98
C VAL A 237 12.22 -14.98 6.69
N THR A 238 13.06 -14.14 6.06
CA THR A 238 13.69 -14.51 4.79
C THR A 238 15.05 -15.16 4.97
N GLY A 239 15.69 -14.96 6.12
CA GLY A 239 17.05 -15.43 6.30
C GLY A 239 18.07 -14.72 5.42
N ILE A 240 17.69 -13.59 4.82
CA ILE A 240 18.60 -12.77 4.03
C ILE A 240 19.05 -11.61 4.89
N GLN A 241 20.36 -11.32 4.88
CA GLN A 241 20.85 -10.18 5.64
C GLN A 241 20.42 -8.89 4.96
N LEU A 242 19.72 -8.03 5.70
CA LEU A 242 19.30 -6.74 5.19
C LEU A 242 19.84 -5.59 6.02
N LEU A 243 20.37 -5.85 7.21
CA LEU A 243 20.80 -4.81 8.13
C LEU A 243 22.26 -5.01 8.52
N ASN A 244 22.87 -3.87 8.87
CA ASN A 244 24.28 -3.66 9.28
C ASN A 244 25.21 -3.33 8.08
#